data_5TC8
#
_entry.id   5TC8
#
_cell.length_a   123.065
_cell.length_b   123.065
_cell.length_c   44.755
_cell.angle_alpha   90.000
_cell.angle_beta   90.000
_cell.angle_gamma   120.000
#
_symmetry.space_group_name_H-M   'P 3 2 1'
#
loop_
_entity.id
_entity.type
_entity.pdbx_description
1 polymer "S-methyl-5'-thioadenosine phosphorylase"
2 non-polymer (3R,4S)-1-[(4-AMINO-5H-PYRROLO[3,2-D]PYRIMIDIN-7-YL)METHYL]-4-[(METHYLSULFANYL)METHYL]PYRROLIDIN-3-OL
3 non-polymer 'PHOSPHATE ION'
4 non-polymer 'MAGNESIUM ION'
5 non-polymer 'CHLORIDE ION'
6 non-polymer 'NONAETHYLENE GLYCOL'
7 non-polymer DI(HYDROXYETHYL)ETHER
8 water water
#
_entity_poly.entity_id   1
_entity_poly.type   'polypeptide(L)'
_entity_poly.pdbx_seq_one_letter_code
;MHHHHHHENLYFQSMASGTTTTAVKIGIIGGTGLDDPEILEGRTEKYVDTPFGKPSDALILGKIKNVDCVLLARHGRQHT
IMPSKVNYQANIWALKEEGCTHVIVTTACGSLREEIQPGDIVIIDQFIDRTTMRPQSFYDGSHSCARGVCHIPMAEPFCP
KTREVLIETAKKLGLRCHSKGTMVTIEGPRFSSRAESFMFRTWGADVINMTTVPEVVLAKEAGICYASIAMATDYDCWKE
HEEAVSVDRVLKTLKENANKAKSLLLTTIPQIGSTEWSETLHNLKNMAQFSVLLPRH
;
_entity_poly.pdbx_strand_id   A
#
# COMPACT_ATOMS: atom_id res chain seq x y z
N ALA A 23 10.27 -3.29 -19.50
CA ALA A 23 8.93 -3.93 -19.39
C ALA A 23 8.18 -3.63 -18.06
N VAL A 24 8.00 -2.36 -17.69
CA VAL A 24 7.33 -2.08 -16.40
C VAL A 24 5.83 -2.30 -16.51
N LYS A 25 5.23 -2.76 -15.43
CA LYS A 25 3.81 -2.93 -15.33
C LYS A 25 3.45 -2.63 -13.89
N ILE A 26 2.51 -1.71 -13.71
CA ILE A 26 2.24 -1.14 -12.41
C ILE A 26 0.96 -1.70 -11.81
N GLY A 27 1.11 -2.43 -10.71
CA GLY A 27 0.00 -2.80 -9.88
C GLY A 27 -0.43 -1.62 -9.02
N ILE A 28 -1.74 -1.39 -8.96
CA ILE A 28 -2.29 -0.32 -8.12
C ILE A 28 -3.31 -0.95 -7.18
N ILE A 29 -3.08 -0.85 -5.88
CA ILE A 29 -4.07 -1.31 -4.90
C ILE A 29 -4.77 -0.08 -4.31
N GLY A 30 -6.07 0.02 -4.56
CA GLY A 30 -6.88 1.13 -4.11
C GLY A 30 -7.47 0.84 -2.74
N GLY A 31 -7.28 1.76 -1.80
CA GLY A 31 -7.81 1.61 -0.45
C GLY A 31 -9.12 2.35 -0.25
N THR A 32 -9.42 2.62 1.02
CA THR A 32 -10.64 3.32 1.41
C THR A 32 -10.80 4.62 0.65
N GLY A 33 -12.00 4.85 0.12
CA GLY A 33 -12.30 6.05 -0.63
C GLY A 33 -11.68 6.10 -2.01
N LEU A 34 -10.97 5.03 -2.39
CA LEU A 34 -10.29 4.92 -3.66
C LEU A 34 -10.35 3.48 -4.14
N ASP A 35 -11.47 2.80 -3.85
CA ASP A 35 -11.59 1.36 -4.09
C ASP A 35 -11.46 1.05 -5.59
N ASP A 36 -12.02 1.93 -6.41
CA ASP A 36 -12.07 1.73 -7.85
C ASP A 36 -11.98 3.07 -8.59
N PRO A 37 -10.81 3.72 -8.51
CA PRO A 37 -10.65 5.04 -9.09
C PRO A 37 -10.63 4.94 -10.62
N GLU A 38 -11.35 5.85 -11.28
CA GLU A 38 -11.46 5.88 -12.76
C GLU A 38 -10.20 6.47 -13.39
N ILE A 39 -9.09 5.80 -13.22
CA ILE A 39 -7.80 6.33 -13.67
C ILE A 39 -7.21 5.59 -14.85
N LEU A 40 -7.76 4.42 -15.19
CA LEU A 40 -7.23 3.62 -16.29
C LEU A 40 -8.05 3.80 -17.56
N GLU A 41 -7.35 3.92 -18.68
CA GLU A 41 -7.98 3.86 -20.00
C GLU A 41 -7.93 2.43 -20.47
N GLY A 42 -8.81 2.08 -21.41
CA GLY A 42 -8.83 0.75 -21.98
C GLY A 42 -8.96 -0.36 -20.94
N ARG A 43 -9.95 -0.22 -20.07
CA ARG A 43 -10.24 -1.13 -18.97
C ARG A 43 -10.79 -2.50 -19.42
N THR A 44 -10.25 -3.56 -18.85
CA THR A 44 -10.78 -4.91 -18.99
C THR A 44 -10.74 -5.58 -17.63
N GLU A 45 -11.87 -6.14 -17.22
CA GLU A 45 -12.03 -6.81 -15.93
C GLU A 45 -11.56 -8.26 -16.07
N LYS A 46 -10.78 -8.76 -15.11
CA LYS A 46 -10.29 -10.14 -15.13
C LYS A 46 -10.25 -10.73 -13.72
N TYR A 47 -11.20 -11.61 -13.43
CA TYR A 47 -11.18 -12.39 -12.19
C TYR A 47 -10.15 -13.51 -12.31
N VAL A 48 -9.32 -13.67 -11.29
CA VAL A 48 -8.27 -14.69 -11.27
C VAL A 48 -8.33 -15.50 -9.98
N ASP A 49 -7.58 -16.59 -9.97
CA ASP A 49 -7.42 -17.39 -8.77
C ASP A 49 -5.95 -17.54 -8.50
N THR A 50 -5.62 -17.85 -7.26
CA THR A 50 -4.24 -18.02 -6.86
C THR A 50 -4.18 -19.21 -5.93
N PRO A 51 -2.97 -19.74 -5.69
CA PRO A 51 -2.82 -20.80 -4.69
C PRO A 51 -3.20 -20.44 -3.25
N PHE A 52 -3.36 -19.13 -2.97
CA PHE A 52 -3.75 -18.64 -1.66
C PHE A 52 -5.20 -18.20 -1.61
N GLY A 53 -5.96 -18.49 -2.66
CA GLY A 53 -7.35 -18.16 -2.74
C GLY A 53 -7.60 -17.00 -3.71
N LYS A 54 -8.83 -16.53 -3.70
CA LYS A 54 -9.24 -15.46 -4.61
C LYS A 54 -8.76 -14.11 -4.09
N PRO A 55 -8.27 -13.24 -4.98
CA PRO A 55 -8.05 -11.84 -4.60
C PRO A 55 -9.31 -11.14 -4.16
N SER A 56 -9.16 -9.95 -3.58
CA SER A 56 -10.28 -9.16 -3.09
C SER A 56 -11.38 -8.94 -4.12
N ASP A 57 -10.99 -8.76 -5.38
CA ASP A 57 -11.94 -8.54 -6.47
C ASP A 57 -11.21 -8.84 -7.77
N ALA A 58 -11.93 -8.66 -8.87
CA ALA A 58 -11.36 -8.69 -10.20
C ALA A 58 -10.17 -7.76 -10.32
N LEU A 59 -9.17 -8.21 -11.05
CA LEU A 59 -8.12 -7.35 -11.56
C LEU A 59 -8.71 -6.46 -12.67
N ILE A 60 -8.39 -5.17 -12.64
CA ILE A 60 -8.79 -4.28 -13.72
C ILE A 60 -7.53 -3.92 -14.53
N LEU A 61 -7.46 -4.45 -15.73
CA LEU A 61 -6.30 -4.21 -16.61
C LEU A 61 -6.56 -2.93 -17.38
N GLY A 62 -5.53 -2.11 -17.55
CA GLY A 62 -5.66 -0.91 -18.36
C GLY A 62 -4.34 -0.18 -18.49
N LYS A 63 -4.42 1.07 -18.94
CA LYS A 63 -3.24 1.89 -19.19
C LYS A 63 -3.37 3.30 -18.66
N ILE A 64 -2.23 3.87 -18.28
CA ILE A 64 -2.09 5.29 -18.01
C ILE A 64 -1.00 5.73 -18.96
N LYS A 65 -1.37 6.60 -19.91
CA LYS A 65 -0.54 6.94 -21.07
C LYS A 65 -0.14 5.62 -21.74
N ASN A 66 1.13 5.32 -21.99
CA ASN A 66 1.38 3.98 -22.57
C ASN A 66 1.88 2.92 -21.57
N VAL A 67 1.60 3.11 -20.27
CA VAL A 67 2.10 2.22 -19.23
C VAL A 67 1.00 1.25 -18.83
N ASP A 68 1.30 -0.04 -18.90
CA ASP A 68 0.38 -1.09 -18.49
C ASP A 68 0.20 -1.04 -16.97
N CYS A 69 -1.06 -1.10 -16.54
CA CYS A 69 -1.42 -1.13 -15.15
C CYS A 69 -2.43 -2.24 -14.84
N VAL A 70 -2.45 -2.60 -13.55
CA VAL A 70 -3.38 -3.57 -13.04
C VAL A 70 -3.92 -3.01 -11.73
N LEU A 71 -5.18 -2.63 -11.72
CA LEU A 71 -5.84 -2.07 -10.54
C LEU A 71 -6.60 -3.12 -9.75
N LEU A 72 -6.55 -3.03 -8.42
CA LEU A 72 -7.22 -3.98 -7.54
C LEU A 72 -7.75 -3.25 -6.30
N ALA A 73 -9.03 -3.44 -6.00
CA ALA A 73 -9.64 -2.86 -4.81
C ALA A 73 -9.24 -3.70 -3.59
N ARG A 74 -8.48 -3.11 -2.66
CA ARG A 74 -8.04 -3.84 -1.45
C ARG A 74 -9.22 -4.48 -0.69
N HIS A 75 -10.32 -3.73 -0.55
CA HIS A 75 -11.48 -4.15 0.23
C HIS A 75 -12.64 -4.72 -0.63
N GLY A 76 -12.37 -4.92 -1.91
CA GLY A 76 -13.41 -5.19 -2.91
C GLY A 76 -13.95 -3.86 -3.39
N ARG A 77 -14.51 -3.81 -4.61
CA ARG A 77 -14.98 -2.54 -5.17
C ARG A 77 -16.17 -1.97 -4.42
N GLN A 78 -16.92 -2.82 -3.71
CA GLN A 78 -17.97 -2.33 -2.80
C GLN A 78 -17.56 -2.22 -1.32
N HIS A 79 -16.27 -2.32 -1.04
CA HIS A 79 -15.71 -2.21 0.31
C HIS A 79 -16.44 -3.11 1.31
N THR A 80 -16.37 -4.40 1.04
CA THR A 80 -17.11 -5.41 1.80
C THR A 80 -16.19 -6.28 2.67
N ILE A 81 -14.88 -6.08 2.57
CA ILE A 81 -13.88 -6.93 3.25
C ILE A 81 -13.11 -6.10 4.28
N MET A 82 -13.18 -6.50 5.54
CA MET A 82 -12.52 -5.74 6.60
C MET A 82 -11.02 -6.05 6.63
N PRO A 83 -10.20 -5.14 7.20
CA PRO A 83 -8.74 -5.26 7.04
C PRO A 83 -8.13 -6.59 7.47
N SER A 84 -8.66 -7.19 8.53
CA SER A 84 -8.19 -8.50 9.02
C SER A 84 -8.46 -9.63 8.04
N LYS A 85 -9.52 -9.49 7.25
CA LYS A 85 -9.94 -10.55 6.32
C LYS A 85 -9.45 -10.35 4.90
N VAL A 86 -8.75 -9.25 4.61
CA VAL A 86 -8.18 -9.05 3.28
C VAL A 86 -7.18 -10.16 2.97
N ASN A 87 -7.29 -10.76 1.80
CA ASN A 87 -6.37 -11.80 1.38
C ASN A 87 -5.13 -11.20 0.76
N TYR A 88 -4.22 -10.74 1.63
CA TYR A 88 -3.01 -10.05 1.21
C TYR A 88 -2.14 -10.96 0.33
N GLN A 89 -2.06 -12.25 0.67
CA GLN A 89 -1.26 -13.22 -0.11
C GLN A 89 -1.81 -13.36 -1.53
N ALA A 90 -3.12 -13.58 -1.63
CA ALA A 90 -3.74 -13.69 -2.95
C ALA A 90 -3.59 -12.42 -3.78
N ASN A 91 -3.80 -11.26 -3.15
CA ASN A 91 -3.68 -9.97 -3.85
C ASN A 91 -2.31 -9.75 -4.44
N ILE A 92 -1.26 -9.93 -3.62
CA ILE A 92 0.10 -9.76 -4.10
C ILE A 92 0.46 -10.87 -5.11
N TRP A 93 0.02 -12.09 -4.85
CA TRP A 93 0.33 -13.20 -5.77
C TRP A 93 -0.24 -12.90 -7.16
N ALA A 94 -1.50 -12.48 -7.17
CA ALA A 94 -2.22 -12.18 -8.42
C ALA A 94 -1.52 -11.08 -9.23
N LEU A 95 -1.14 -10.00 -8.56
CA LEU A 95 -0.44 -8.90 -9.23
C LEU A 95 0.90 -9.36 -9.80
N LYS A 96 1.69 -10.09 -9.02
CA LYS A 96 2.95 -10.65 -9.49
C LYS A 96 2.76 -11.56 -10.71
N GLU A 97 1.77 -12.45 -10.66
CA GLU A 97 1.48 -13.41 -11.74
C GLU A 97 1.02 -12.70 -13.02
N GLU A 98 0.34 -11.57 -12.87
CA GLU A 98 -0.06 -10.75 -14.01
C GLU A 98 1.11 -9.99 -14.63
N GLY A 99 2.27 -9.97 -13.95
CA GLY A 99 3.53 -9.43 -14.48
C GLY A 99 3.93 -8.06 -13.91
N CYS A 100 3.29 -7.64 -12.82
CA CYS A 100 3.62 -6.35 -12.23
C CYS A 100 5.04 -6.32 -11.72
N THR A 101 5.78 -5.28 -12.10
CA THR A 101 7.11 -4.97 -11.58
C THR A 101 7.06 -4.05 -10.34
N HIS A 102 6.01 -3.24 -10.26
CA HIS A 102 5.78 -2.29 -9.19
C HIS A 102 4.39 -2.44 -8.65
N VAL A 103 4.22 -2.12 -7.38
CA VAL A 103 2.91 -1.98 -6.76
C VAL A 103 2.92 -0.65 -6.02
N ILE A 104 2.03 0.24 -6.43
CA ILE A 104 1.86 1.50 -5.75
C ILE A 104 0.44 1.48 -5.21
N VAL A 105 0.29 1.76 -3.91
CA VAL A 105 -0.99 1.66 -3.27
C VAL A 105 -1.43 2.97 -2.65
N THR A 106 -2.71 3.05 -2.35
CA THR A 106 -3.23 4.13 -1.52
C THR A 106 -3.68 3.53 -0.21
N THR A 107 -3.53 4.31 0.85
CA THR A 107 -4.03 3.92 2.17
C THR A 107 -4.46 5.17 2.90
N ALA A 108 -5.71 5.17 3.36
CA ALA A 108 -6.16 6.21 4.28
C ALA A 108 -5.50 5.94 5.63
N CYS A 109 -5.33 6.99 6.44
CA CYS A 109 -4.70 6.84 7.75
C CYS A 109 -5.03 7.96 8.70
N GLY A 110 -4.81 7.72 9.99
CA GLY A 110 -4.95 8.74 11.00
C GLY A 110 -3.59 9.40 11.13
N SER A 111 -3.60 10.68 11.48
CA SER A 111 -2.36 11.37 11.76
C SER A 111 -2.06 11.33 13.26
N LEU A 112 -0.80 11.06 13.57
CA LEU A 112 -0.29 11.09 14.92
C LEU A 112 0.61 12.31 15.18
N ARG A 113 0.66 13.26 14.25
CA ARG A 113 1.56 14.41 14.32
C ARG A 113 0.77 15.65 13.91
N GLU A 114 0.87 16.71 14.70
CA GLU A 114 0.19 17.99 14.41
C GLU A 114 0.42 18.45 12.97
N GLU A 115 1.65 18.37 12.50
CA GLU A 115 2.01 18.88 11.18
C GLU A 115 1.50 18.03 9.99
N ILE A 116 1.03 16.80 10.25
CA ILE A 116 0.37 15.99 9.23
C ILE A 116 -1.14 16.21 9.37
N GLN A 117 -1.66 17.05 8.49
CA GLN A 117 -3.03 17.48 8.50
C GLN A 117 -3.89 16.56 7.65
N PRO A 118 -5.18 16.42 8.00
CA PRO A 118 -6.09 15.71 7.14
C PRO A 118 -6.05 16.25 5.72
N GLY A 119 -5.93 15.36 4.74
CA GLY A 119 -5.72 15.72 3.35
C GLY A 119 -4.29 15.66 2.90
N ASP A 120 -3.33 15.70 3.83
CA ASP A 120 -1.93 15.57 3.49
C ASP A 120 -1.62 14.15 3.03
N ILE A 121 -0.64 14.05 2.15
CA ILE A 121 -0.09 12.78 1.70
C ILE A 121 1.23 12.54 2.47
N VAL A 122 1.48 11.29 2.82
CA VAL A 122 2.75 10.88 3.49
C VAL A 122 3.30 9.71 2.68
N ILE A 123 4.51 9.86 2.14
CA ILE A 123 5.15 8.81 1.35
C ILE A 123 5.95 7.98 2.37
N ILE A 124 5.24 7.10 3.07
CA ILE A 124 5.79 6.37 4.20
C ILE A 124 7.01 5.54 3.82
N ASP A 125 7.95 5.45 4.74
CA ASP A 125 9.18 4.70 4.55
C ASP A 125 9.45 3.63 5.62
N GLN A 126 8.66 3.61 6.69
CA GLN A 126 8.81 2.60 7.75
C GLN A 126 7.44 2.20 8.27
N PHE A 127 7.41 1.08 8.98
CA PHE A 127 6.19 0.64 9.66
C PHE A 127 6.53 0.10 11.03
N ILE A 128 5.51 0.10 11.90
CA ILE A 128 5.54 -0.65 13.16
C ILE A 128 4.32 -1.56 13.13
N ASP A 129 4.56 -2.86 13.22
CA ASP A 129 3.48 -3.84 13.17
C ASP A 129 2.76 -3.95 14.52
N ARG A 130 1.46 -3.75 14.52
CA ARG A 130 0.62 -4.08 15.68
C ARG A 130 -0.45 -5.10 15.28
N THR A 131 -0.31 -5.68 14.09
CA THR A 131 -1.30 -6.70 13.65
C THR A 131 -1.04 -8.01 14.39
N THR A 132 -2.06 -8.86 14.46
CA THR A 132 -1.93 -10.14 15.19
C THR A 132 -2.47 -11.36 14.46
N MET A 133 -3.35 -11.17 13.48
CA MET A 133 -4.13 -12.24 12.88
C MET A 133 -3.68 -12.64 11.48
N ARG A 134 -2.58 -12.08 10.98
CA ARG A 134 -2.33 -12.13 9.56
C ARG A 134 -1.09 -12.92 9.17
N PRO A 135 -1.26 -13.87 8.22
CA PRO A 135 -0.07 -14.47 7.59
C PRO A 135 0.77 -13.42 6.89
N GLN A 136 2.08 -13.46 7.09
CA GLN A 136 2.97 -12.44 6.54
C GLN A 136 3.95 -12.98 5.53
N SER A 137 3.81 -14.26 5.17
CA SER A 137 4.73 -14.90 4.24
C SER A 137 3.97 -15.81 3.31
N PHE A 138 4.46 -15.93 2.09
CA PHE A 138 4.01 -17.00 1.17
C PHE A 138 4.53 -18.38 1.59
N TYR A 139 5.61 -18.40 2.36
CA TYR A 139 6.31 -19.65 2.66
C TYR A 139 5.91 -20.17 4.02
N ASP A 140 4.73 -20.77 4.07
CA ASP A 140 4.15 -21.32 5.30
C ASP A 140 4.28 -22.85 5.40
N GLY A 141 5.06 -23.47 4.52
CA GLY A 141 5.24 -24.91 4.51
C GLY A 141 4.07 -25.73 3.99
N SER A 142 3.01 -25.08 3.48
CA SER A 142 1.79 -25.76 2.99
C SER A 142 1.48 -25.55 1.51
N HIS A 143 2.32 -24.82 0.78
CA HIS A 143 2.09 -24.54 -0.64
C HIS A 143 3.30 -24.91 -1.45
N SER A 144 3.11 -25.86 -2.37
CA SER A 144 4.19 -26.30 -3.27
C SER A 144 4.69 -25.19 -4.18
N CYS A 145 3.86 -24.17 -4.41
CA CYS A 145 4.27 -22.97 -5.17
C CYS A 145 5.31 -22.09 -4.45
N ALA A 146 5.51 -22.28 -3.14
CA ALA A 146 6.49 -21.51 -2.37
C ALA A 146 7.06 -22.39 -1.26
N ARG A 147 8.11 -23.12 -1.60
CA ARG A 147 8.69 -24.10 -0.69
C ARG A 147 9.86 -23.49 0.03
N GLY A 148 10.10 -23.94 1.26
CA GLY A 148 11.25 -23.47 2.03
C GLY A 148 10.83 -22.54 3.15
N VAL A 149 11.82 -22.03 3.87
CA VAL A 149 11.63 -21.13 4.99
C VAL A 149 12.20 -19.78 4.58
N CYS A 150 11.34 -18.78 4.50
CA CYS A 150 11.74 -17.46 3.99
C CYS A 150 11.76 -16.43 5.10
N HIS A 151 12.91 -15.75 5.25
CA HIS A 151 13.10 -14.66 6.22
C HIS A 151 13.49 -13.39 5.49
N ILE A 152 12.47 -12.64 5.07
CA ILE A 152 12.71 -11.46 4.23
C ILE A 152 13.22 -10.27 5.05
N PRO A 153 14.27 -9.56 4.57
CA PRO A 153 14.70 -8.38 5.30
C PRO A 153 13.69 -7.23 5.19
N MET A 154 13.53 -6.47 6.26
CA MET A 154 12.59 -5.36 6.30
C MET A 154 13.21 -4.05 6.72
N ALA A 155 14.53 -3.95 6.62
CA ALA A 155 15.23 -2.72 6.97
C ALA A 155 14.73 -1.53 6.12
N GLU A 156 14.51 -1.78 4.84
CA GLU A 156 14.01 -0.79 3.87
CA GLU A 156 13.99 -0.77 3.90
C GLU A 156 12.77 -1.39 3.21
N PRO A 157 11.60 -1.31 3.89
CA PRO A 157 10.44 -2.02 3.37
C PRO A 157 9.87 -1.48 2.09
N PHE A 158 10.08 -0.19 1.80
CA PHE A 158 9.47 0.46 0.63
C PHE A 158 10.58 0.82 -0.35
N CYS A 159 10.26 0.76 -1.63
CA CYS A 159 11.20 1.04 -2.70
C CYS A 159 11.57 2.51 -2.72
N PRO A 160 12.85 2.85 -2.42
CA PRO A 160 13.16 4.29 -2.33
C PRO A 160 13.12 5.04 -3.67
N LYS A 161 13.34 4.33 -4.76
CA LYS A 161 13.33 4.94 -6.08
C LYS A 161 11.91 5.31 -6.49
N THR A 162 10.96 4.41 -6.24
CA THR A 162 9.54 4.72 -6.46
C THR A 162 9.07 5.84 -5.54
N ARG A 163 9.48 5.78 -4.28
CA ARG A 163 9.13 6.81 -3.33
C ARG A 163 9.63 8.19 -3.80
N GLU A 164 10.87 8.26 -4.27
CA GLU A 164 11.43 9.53 -4.73
C GLU A 164 10.64 10.13 -5.90
N VAL A 165 10.18 9.28 -6.83
CA VAL A 165 9.34 9.76 -7.95
C VAL A 165 8.00 10.29 -7.41
N LEU A 166 7.39 9.57 -6.46
CA LEU A 166 6.16 10.08 -5.83
C LEU A 166 6.35 11.43 -5.14
N ILE A 167 7.45 11.55 -4.39
CA ILE A 167 7.77 12.80 -3.69
C ILE A 167 7.97 13.97 -4.68
N GLU A 168 8.75 13.73 -5.72
CA GLU A 168 9.02 14.79 -6.71
C GLU A 168 7.76 15.17 -7.49
N THR A 169 6.93 14.18 -7.79
CA THR A 169 5.69 14.42 -8.50
C THR A 169 4.69 15.22 -7.64
N ALA A 170 4.57 14.87 -6.37
CA ALA A 170 3.71 15.60 -5.43
C ALA A 170 4.09 17.09 -5.38
N LYS A 171 5.39 17.34 -5.40
CA LYS A 171 5.92 18.72 -5.43
C LYS A 171 5.50 19.42 -6.72
N LYS A 172 5.69 18.77 -7.85
CA LYS A 172 5.26 19.35 -9.13
C LYS A 172 3.78 19.67 -9.17
N LEU A 173 2.97 18.87 -8.47
CA LEU A 173 1.53 19.10 -8.35
C LEU A 173 1.12 20.10 -7.26
N GLY A 174 2.09 20.58 -6.46
CA GLY A 174 1.81 21.52 -5.38
C GLY A 174 1.00 20.94 -4.24
N LEU A 175 1.16 19.64 -3.99
CA LEU A 175 0.40 18.93 -2.96
C LEU A 175 1.17 18.92 -1.67
N ARG A 176 0.49 19.14 -0.55
CA ARG A 176 1.10 19.01 0.76
C ARG A 176 1.45 17.52 0.94
N CYS A 177 2.75 17.26 1.06
CA CYS A 177 3.26 15.92 1.03
C CYS A 177 4.48 15.83 1.93
N HIS A 178 4.49 14.83 2.81
CA HIS A 178 5.62 14.56 3.72
C HIS A 178 6.48 13.45 3.14
N SER A 179 7.79 13.69 3.13
CA SER A 179 8.72 12.86 2.38
C SER A 179 9.08 11.54 3.06
N LYS A 180 8.66 11.36 4.30
CA LYS A 180 8.85 10.10 5.00
C LYS A 180 7.82 9.96 6.09
N GLY A 181 7.81 8.81 6.74
CA GLY A 181 6.87 8.59 7.82
C GLY A 181 6.79 7.15 8.23
N THR A 182 6.54 6.94 9.52
CA THR A 182 6.39 5.62 10.08
C THR A 182 4.93 5.31 10.34
N MET A 183 4.44 4.27 9.67
CA MET A 183 3.04 3.84 9.76
C MET A 183 2.93 2.75 10.81
N VAL A 184 2.09 2.98 11.82
CA VAL A 184 1.74 1.89 12.74
C VAL A 184 0.48 1.21 12.17
N THR A 185 0.56 -0.10 11.96
CA THR A 185 -0.59 -0.84 11.42
C THR A 185 -1.19 -1.66 12.56
N ILE A 186 -2.44 -1.34 12.89
CA ILE A 186 -3.18 -2.02 13.96
C ILE A 186 -4.06 -3.09 13.33
N GLU A 187 -4.47 -4.05 14.15
CA GLU A 187 -5.28 -5.16 13.62
C GLU A 187 -6.66 -4.68 13.18
N GLY A 188 -7.29 -3.84 13.99
CA GLY A 188 -8.64 -3.40 13.76
C GLY A 188 -9.62 -4.55 13.97
N PRO A 189 -10.84 -4.44 13.48
CA PRO A 189 -11.35 -3.29 12.74
C PRO A 189 -11.68 -2.06 13.63
N ARG A 190 -11.74 -2.21 14.95
CA ARG A 190 -11.87 -1.07 15.84
C ARG A 190 -10.76 -0.02 15.63
N PHE A 191 -11.10 1.23 15.91
CA PHE A 191 -10.08 2.25 16.05
C PHE A 191 -9.39 2.10 17.39
N SER A 192 -8.29 2.80 17.55
CA SER A 192 -7.48 2.71 18.76
C SER A 192 -8.16 3.41 19.94
N SER A 193 -7.83 2.98 21.15
CA SER A 193 -8.18 3.72 22.35
C SER A 193 -7.31 4.97 22.44
N ARG A 194 -7.67 5.89 23.32
CA ARG A 194 -6.84 7.07 23.53
C ARG A 194 -5.49 6.72 24.15
N ALA A 195 -5.46 5.78 25.10
CA ALA A 195 -4.16 5.35 25.67
C ALA A 195 -3.23 4.75 24.59
N GLU A 196 -3.81 3.98 23.68
CA GLU A 196 -3.05 3.42 22.58
C GLU A 196 -2.54 4.53 21.65
N SER A 197 -3.42 5.46 21.31
CA SER A 197 -3.08 6.56 20.41
C SER A 197 -1.87 7.35 20.95
N PHE A 198 -1.94 7.71 22.24
CA PHE A 198 -0.82 8.40 22.87
C PHE A 198 0.44 7.54 22.92
N MET A 199 0.28 6.24 23.19
CA MET A 199 1.42 5.32 23.22
C MET A 199 2.12 5.28 21.86
N PHE A 200 1.35 5.14 20.77
CA PHE A 200 1.95 5.10 19.43
C PHE A 200 2.77 6.38 19.14
N ARG A 201 2.30 7.52 19.60
CA ARG A 201 3.05 8.79 19.52
C ARG A 201 4.38 8.71 20.26
N THR A 202 4.40 8.14 21.47
CA THR A 202 5.68 7.97 22.20
C THR A 202 6.63 7.04 21.47
N TRP A 203 6.09 6.07 20.73
CA TRP A 203 6.91 5.17 19.94
C TRP A 203 7.50 5.81 18.67
N GLY A 204 7.03 6.99 18.28
CA GLY A 204 7.55 7.69 17.09
C GLY A 204 6.81 7.36 15.80
N ALA A 205 5.67 6.68 15.90
CA ALA A 205 4.81 6.50 14.73
C ALA A 205 4.22 7.84 14.31
N ASP A 206 4.09 8.05 13.01
CA ASP A 206 3.58 9.30 12.44
C ASP A 206 2.15 9.23 11.95
N VAL A 207 1.75 8.05 11.46
CA VAL A 207 0.42 7.82 10.93
C VAL A 207 -0.01 6.40 11.33
N ILE A 208 -1.30 6.17 11.26
CA ILE A 208 -1.89 4.90 11.73
C ILE A 208 -2.92 4.36 10.74
N ASN A 209 -2.84 3.06 10.46
CA ASN A 209 -3.76 2.40 9.57
C ASN A 209 -3.97 0.94 9.95
N MET A 210 -4.66 0.18 9.09
CA MET A 210 -4.94 -1.22 9.35
C MET A 210 -4.49 -2.18 8.25
N THR A 211 -3.77 -1.68 7.23
CA THR A 211 -3.50 -2.46 6.03
C THR A 211 -2.07 -2.52 5.50
N THR A 212 -1.13 -1.70 5.99
CA THR A 212 0.23 -1.71 5.41
C THR A 212 0.94 -3.06 5.60
N VAL A 213 0.82 -3.60 6.80
CA VAL A 213 1.28 -4.96 7.12
C VAL A 213 0.10 -5.91 6.99
N PRO A 214 0.22 -7.03 6.26
CA PRO A 214 1.44 -7.59 5.69
C PRO A 214 1.64 -7.29 4.19
N GLU A 215 0.84 -6.39 3.63
CA GLU A 215 0.91 -6.06 2.20
C GLU A 215 2.35 -5.74 1.75
N VAL A 216 3.03 -4.86 2.48
CA VAL A 216 4.42 -4.49 2.17
C VAL A 216 5.41 -5.66 2.26
N VAL A 217 5.17 -6.55 3.21
CA VAL A 217 6.03 -7.70 3.47
C VAL A 217 5.95 -8.72 2.32
N LEU A 218 4.73 -9.03 1.90
CA LEU A 218 4.50 -9.98 0.83
C LEU A 218 5.02 -9.43 -0.52
N ALA A 219 4.86 -8.13 -0.76
CA ALA A 219 5.44 -7.49 -1.94
C ALA A 219 6.96 -7.68 -2.00
N LYS A 220 7.62 -7.54 -0.86
CA LYS A 220 9.07 -7.72 -0.80
C LYS A 220 9.47 -9.17 -1.10
N GLU A 221 8.75 -10.13 -0.50
CA GLU A 221 8.94 -11.56 -0.82
C GLU A 221 8.73 -11.85 -2.30
N ALA A 222 7.78 -11.15 -2.94
CA ALA A 222 7.56 -11.28 -4.38
C ALA A 222 8.55 -10.55 -5.29
N GLY A 223 9.52 -9.84 -4.73
CA GLY A 223 10.48 -9.10 -5.52
C GLY A 223 9.88 -7.92 -6.28
N ILE A 224 8.83 -7.31 -5.73
CA ILE A 224 8.14 -6.18 -6.35
C ILE A 224 8.57 -4.87 -5.70
N CYS A 225 8.79 -3.81 -6.50
CA CYS A 225 9.01 -2.45 -5.98
CA CYS A 225 9.07 -2.48 -5.92
C CYS A 225 7.70 -1.94 -5.43
N TYR A 226 7.60 -1.79 -4.11
CA TYR A 226 6.35 -1.39 -3.47
C TYR A 226 6.49 -0.01 -2.86
N ALA A 227 5.48 0.83 -3.05
CA ALA A 227 5.39 2.12 -2.37
C ALA A 227 3.96 2.47 -2.04
N SER A 228 3.79 3.34 -1.06
CA SER A 228 2.49 3.64 -0.52
C SER A 228 2.23 5.14 -0.46
N ILE A 229 1.09 5.53 -1.02
CA ILE A 229 0.53 6.85 -0.89
C ILE A 229 -0.44 6.83 0.30
N ALA A 230 0.04 7.29 1.45
CA ALA A 230 -0.77 7.36 2.65
C ALA A 230 -1.48 8.71 2.68
N MET A 231 -2.79 8.73 2.86
CA MET A 231 -3.53 10.00 2.96
C MET A 231 -4.16 10.14 4.31
N ALA A 232 -3.73 11.16 5.06
CA ALA A 232 -4.29 11.43 6.38
C ALA A 232 -5.74 11.88 6.28
N THR A 233 -6.63 11.28 7.09
CA THR A 233 -8.07 11.59 7.06
C THR A 233 -8.62 12.13 8.37
N ASP A 234 -7.81 12.14 9.43
CA ASP A 234 -8.24 12.45 10.78
C ASP A 234 -6.99 12.50 11.68
N TYR A 235 -7.15 12.90 12.93
CA TYR A 235 -6.08 12.89 13.93
C TYR A 235 -6.31 11.78 14.97
N ASP A 236 -6.86 10.62 14.54
CA ASP A 236 -7.16 9.53 15.45
C ASP A 236 -7.95 10.07 16.65
N CYS A 237 -7.49 9.91 17.90
CA CYS A 237 -8.22 10.50 19.04
C CYS A 237 -7.31 11.16 20.08
N TRP A 238 -6.09 11.52 19.69
CA TRP A 238 -5.12 12.10 20.62
C TRP A 238 -5.21 13.62 20.73
N LYS A 239 -5.76 14.30 19.72
CA LYS A 239 -5.58 15.75 19.54
C LYS A 239 -6.86 16.48 19.91
N GLU A 240 -6.76 17.46 20.80
CA GLU A 240 -7.94 18.20 21.25
C GLU A 240 -8.44 19.20 20.20
N HIS A 241 -9.74 19.47 20.25
CA HIS A 241 -10.41 20.38 19.30
C HIS A 241 -10.26 19.95 17.85
N GLU A 242 -10.31 18.63 17.63
CA GLU A 242 -10.45 18.07 16.29
C GLU A 242 -11.64 17.14 16.31
N GLU A 243 -12.23 16.96 15.13
CA GLU A 243 -13.29 16.01 14.97
C GLU A 243 -12.76 14.59 15.21
N ALA A 244 -13.44 13.87 16.10
CA ALA A 244 -13.11 12.50 16.48
C ALA A 244 -13.09 11.56 15.27
N VAL A 245 -12.16 10.60 15.22
CA VAL A 245 -12.18 9.65 14.09
C VAL A 245 -13.46 8.82 14.15
N SER A 246 -14.06 8.63 12.99
CA SER A 246 -15.20 7.75 12.78
C SER A 246 -15.20 7.39 11.32
N VAL A 247 -15.94 6.35 10.97
CA VAL A 247 -16.13 5.98 9.57
C VAL A 247 -16.57 7.20 8.73
N ASP A 248 -17.59 7.92 9.19
CA ASP A 248 -18.10 9.09 8.44
C ASP A 248 -17.04 10.17 8.25
N ARG A 249 -16.26 10.44 9.28
CA ARG A 249 -15.23 11.44 9.21
C ARG A 249 -14.12 11.04 8.21
N VAL A 250 -13.75 9.76 8.19
CA VAL A 250 -12.73 9.28 7.27
C VAL A 250 -13.23 9.46 5.83
N LEU A 251 -14.45 8.95 5.58
CA LEU A 251 -15.02 9.01 4.25
C LEU A 251 -15.24 10.43 3.76
N LYS A 252 -15.63 11.32 4.65
CA LYS A 252 -15.78 12.75 4.30
C LYS A 252 -14.44 13.36 3.85
N THR A 253 -13.37 13.13 4.60
CA THR A 253 -12.07 13.68 4.22
C THR A 253 -11.60 13.12 2.86
N LEU A 254 -11.86 11.84 2.62
CA LEU A 254 -11.47 11.22 1.33
C LEU A 254 -12.31 11.77 0.19
N LYS A 255 -13.60 11.95 0.40
CA LYS A 255 -14.45 12.60 -0.62
C LYS A 255 -13.86 13.95 -1.05
N GLU A 256 -13.35 14.70 -0.07
CA GLU A 256 -12.80 16.03 -0.34
C GLU A 256 -11.43 15.96 -1.02
N ASN A 257 -10.61 14.97 -0.69
CA ASN A 257 -9.19 14.94 -1.07
C ASN A 257 -8.71 13.81 -1.96
N ALA A 258 -9.55 12.81 -2.22
CA ALA A 258 -9.12 11.65 -3.03
C ALA A 258 -8.58 12.03 -4.41
N ASN A 259 -9.14 13.07 -5.04
CA ASN A 259 -8.61 13.58 -6.30
C ASN A 259 -7.08 13.79 -6.28
N LYS A 260 -6.53 14.15 -5.13
CA LYS A 260 -5.08 14.41 -5.04
C LYS A 260 -4.27 13.14 -5.25
N ALA A 261 -4.74 12.04 -4.65
CA ALA A 261 -4.12 10.73 -4.83
C ALA A 261 -4.26 10.24 -6.26
N LYS A 262 -5.44 10.45 -6.84
CA LYS A 262 -5.70 10.12 -8.23
CA LYS A 262 -5.68 10.10 -8.25
C LYS A 262 -4.73 10.87 -9.16
N SER A 263 -4.61 12.18 -8.97
CA SER A 263 -3.69 12.97 -9.80
C SER A 263 -2.24 12.52 -9.59
N LEU A 264 -1.87 12.19 -8.36
CA LEU A 264 -0.50 11.73 -8.07
C LEU A 264 -0.18 10.43 -8.77
N LEU A 265 -1.10 9.47 -8.74
CA LEU A 265 -0.95 8.22 -9.52
C LEU A 265 -0.84 8.49 -11.02
N LEU A 266 -1.75 9.31 -11.53
CA LEU A 266 -1.80 9.59 -12.96
C LEU A 266 -0.53 10.22 -13.49
N THR A 267 0.10 11.07 -12.67
CA THR A 267 1.29 11.82 -13.09
C THR A 267 2.59 11.04 -12.79
N THR A 268 2.58 10.26 -11.71
CA THR A 268 3.76 9.46 -11.32
C THR A 268 4.03 8.32 -12.27
N ILE A 269 2.99 7.61 -12.65
CA ILE A 269 3.13 6.36 -13.39
C ILE A 269 3.86 6.53 -14.74
N PRO A 270 3.50 7.56 -15.55
CA PRO A 270 4.29 7.79 -16.76
C PRO A 270 5.79 8.03 -16.52
N GLN A 271 6.15 8.70 -15.42
CA GLN A 271 7.57 8.90 -15.06
C GLN A 271 8.26 7.58 -14.73
N ILE A 272 7.57 6.72 -13.99
CA ILE A 272 8.08 5.38 -13.69
C ILE A 272 8.32 4.61 -15.01
N GLY A 273 7.35 4.69 -15.92
CA GLY A 273 7.45 4.04 -17.23
C GLY A 273 8.63 4.51 -18.09
N SER A 274 9.10 5.74 -17.90
CA SER A 274 10.24 6.25 -18.67
C SER A 274 11.60 6.12 -17.95
N THR A 275 11.64 5.49 -16.77
CA THR A 275 12.85 5.32 -15.94
C THR A 275 13.40 3.90 -16.15
N GLU A 276 14.70 3.73 -15.90
CA GLU A 276 15.39 2.44 -16.03
C GLU A 276 15.28 1.65 -14.72
N TRP A 277 14.77 0.42 -14.76
CA TRP A 277 14.51 -0.37 -13.52
C TRP A 277 15.22 -1.72 -13.38
N SER A 278 15.97 -2.15 -14.40
CA SER A 278 16.52 -3.51 -14.41
C SER A 278 17.39 -3.80 -13.19
N GLU A 279 18.27 -2.88 -12.83
CA GLU A 279 19.16 -3.07 -11.67
C GLU A 279 18.39 -3.11 -10.35
N THR A 280 17.46 -2.17 -10.18
CA THR A 280 16.59 -2.14 -9.01
C THR A 280 15.84 -3.46 -8.88
N LEU A 281 15.23 -3.91 -9.96
CA LEU A 281 14.46 -5.15 -9.92
C LEU A 281 15.32 -6.41 -9.70
N HIS A 282 16.50 -6.45 -10.31
CA HIS A 282 17.46 -7.52 -10.11
C HIS A 282 17.88 -7.68 -8.65
N ASN A 283 18.22 -6.56 -8.02
CA ASN A 283 18.58 -6.54 -6.61
C ASN A 283 17.45 -7.01 -5.70
N LEU A 284 16.22 -6.56 -5.98
CA LEU A 284 15.05 -7.05 -5.24
C LEU A 284 14.84 -8.54 -5.43
N LYS A 285 15.01 -9.02 -6.66
CA LYS A 285 14.86 -10.44 -6.96
C LYS A 285 15.89 -11.26 -6.17
N ASN A 286 17.12 -10.79 -6.17
CA ASN A 286 18.19 -11.44 -5.40
C ASN A 286 17.90 -11.47 -3.89
N MET A 287 17.53 -10.33 -3.32
CA MET A 287 17.17 -10.28 -1.90
C MET A 287 16.09 -11.30 -1.57
N ALA A 288 15.04 -11.36 -2.40
CA ALA A 288 13.94 -12.30 -2.17
C ALA A 288 14.41 -13.75 -2.31
N GLN A 289 15.19 -14.01 -3.36
CA GLN A 289 15.70 -15.35 -3.62
C GLN A 289 16.61 -15.86 -2.48
N PHE A 290 17.54 -15.03 -2.04
CA PHE A 290 18.50 -15.42 -1.00
C PHE A 290 17.91 -15.48 0.41
N SER A 291 16.69 -14.96 0.59
CA SER A 291 15.97 -15.06 1.87
C SER A 291 15.34 -16.44 2.11
N VAL A 292 15.35 -17.32 1.11
CA VAL A 292 14.69 -18.62 1.20
C VAL A 292 15.75 -19.67 1.52
N LEU A 293 15.57 -20.33 2.65
CA LEU A 293 16.43 -21.41 3.07
C LEU A 293 15.74 -22.70 2.63
N LEU A 294 16.41 -23.48 1.78
CA LEU A 294 15.90 -24.78 1.34
C LEU A 294 16.66 -25.92 2.07
N PRO A 295 16.05 -27.13 2.18
CA PRO A 295 16.53 -28.19 3.11
C PRO A 295 18.03 -28.52 3.12
#